data_9PRS
#
_entry.id   9PRS
#
_cell.length_a   1.00
_cell.length_b   1.00
_cell.length_c   1.00
_cell.angle_alpha   90.00
_cell.angle_beta   90.00
_cell.angle_gamma   90.00
#
_symmetry.space_group_name_H-M   'P 1'
#
loop_
_entity.id
_entity.type
_entity.pdbx_description
1 polymer 'Synaptic vesicle glycoprotein 2A'
2 non-polymer (2S)-2-(2-oxidanylidenepyrrolidin-1-yl)butanamide
3 non-polymer (3R)-4-(3,5-dimethylphenyl)-N-(2-methoxyphenyl)-3-methylbutanamide
#
_entity_poly.entity_id   1
_entity_poly.type   'polypeptide(L)'
_entity_poly.pdbx_seq_one_letter_code
;AQRRKEREELAQQYEAILRECGHGRFQWTLYFVLGLALMADGVEVFVVGFVLPSAEKDMCLSDSNKGMLGLIVYLGMMVG
AFLWGGLADRLGRRQCLLISLSVNSVFAFFSSFVQGYGTFLFCRLLSGVGIGGSIPIVFSYFSEFLAQEKRGEHLSWLCM
FWMIGGVYAAAMAWAIIPHYGWSFQMGSAYQFHSWRVFVLVCAFPSVFAIGALTTQPESPRFFLENGKHDEAWMVLKQVH
DTNMRAKGHPERVFSVTHIKTIHQEDELIEIQSDTGTWYQRWGVRALSLGGQVWGNFLSCFGPEYRRITLMMMGVWFTMS
FSYYGLTVWFPDMIRHLQAVDYASRTKVFPGERVEHVTFNFTLENQIHRGGQYFNDKFIGLRLKSVSFEDSLFEECYFED
VTSSNTFFRNCTFINTVFYNTDLFEYKFVNSRLINSTFLHNKEGCPLDVTGTGEGAYMVYFVSFLGTLAVLPGNIVSALL
MDKIGRLRMLAGSSVMSCVSCFFLSFGNSESAMIALLCLFGGVSIASWNALDVLTVELYPSDKRTTAFGFLNALCKLAAV
LGISIFTSFVGITKAAPILFASAALALGSSLALKLPETRGQVLQ
;
_entity_poly.pdbx_strand_id   A
#
# COMPACT_ATOMS: atom_id res chain seq x y z
N ALA A 1 6.54 33.28 -4.71
CA ALA A 1 7.42 33.55 -5.89
C ALA A 1 8.83 33.00 -5.67
N GLN A 2 9.50 33.49 -4.62
CA GLN A 2 10.88 33.08 -4.38
C GLN A 2 10.98 31.59 -4.06
N ARG A 3 10.08 31.08 -3.23
CA ARG A 3 10.20 29.70 -2.78
C ARG A 3 10.01 28.71 -3.94
N ARG A 4 9.11 29.01 -4.87
CA ARG A 4 8.96 28.14 -6.02
C ARG A 4 10.24 28.11 -6.85
N LYS A 5 10.89 29.27 -7.02
CA LYS A 5 12.15 29.32 -7.75
C LYS A 5 13.22 28.47 -7.07
N GLU A 6 13.35 28.63 -5.75
CA GLU A 6 14.37 27.88 -5.02
C GLU A 6 14.10 26.38 -5.08
N ARG A 7 12.83 25.97 -4.94
CA ARG A 7 12.51 24.56 -5.00
C ARG A 7 12.69 24.00 -6.40
N GLU A 8 12.47 24.81 -7.43
CA GLU A 8 12.76 24.35 -8.79
C GLU A 8 14.26 24.13 -8.98
N GLU A 9 15.07 25.04 -8.45
CA GLU A 9 16.52 24.85 -8.53
C GLU A 9 16.94 23.58 -7.81
N LEU A 10 16.37 23.34 -6.61
CA LEU A 10 16.69 22.12 -5.87
C LEU A 10 16.27 20.88 -6.64
N ALA A 11 15.07 20.91 -7.24
CA ALA A 11 14.61 19.76 -8.01
C ALA A 11 15.51 19.48 -9.20
N GLN A 12 15.96 20.54 -9.89
CA GLN A 12 16.85 20.35 -11.03
C GLN A 12 18.19 19.78 -10.59
N GLN A 13 18.71 20.22 -9.44
CA GLN A 13 20.02 19.73 -9.00
C GLN A 13 19.93 18.32 -8.43
N TYR A 14 18.82 17.97 -7.81
CA TYR A 14 18.69 16.65 -7.18
C TYR A 14 18.78 15.54 -8.21
N GLU A 15 18.15 15.73 -9.37
CA GLU A 15 18.21 14.70 -10.41
C GLU A 15 19.63 14.52 -10.94
N ALA A 16 20.37 15.62 -11.09
CA ALA A 16 21.77 15.51 -11.51
C ALA A 16 22.60 14.77 -10.47
N ILE A 17 22.35 15.06 -9.18
CA ILE A 17 23.07 14.36 -8.13
C ILE A 17 22.76 12.87 -8.17
N LEU A 18 21.49 12.52 -8.37
CA LEU A 18 21.11 11.10 -8.44
C LEU A 18 21.75 10.42 -9.65
N ARG A 19 21.80 11.12 -10.80
CA ARG A 19 22.48 10.55 -11.95
C ARG A 19 23.95 10.32 -11.67
N GLU A 20 24.58 11.22 -10.90
CA GLU A 20 25.96 10.99 -10.50
C GLU A 20 26.08 9.76 -9.60
N CYS A 21 25.15 9.61 -8.64
CA CYS A 21 25.17 8.43 -7.79
C CYS A 21 24.86 7.17 -8.58
N GLY A 22 23.91 7.25 -9.51
CA GLY A 22 23.53 6.10 -10.31
C GLY A 22 22.64 5.12 -9.55
N HIS A 23 22.34 4.02 -10.22
CA HIS A 23 21.51 2.95 -9.67
C HIS A 23 22.34 1.69 -9.50
N GLY A 24 22.10 0.96 -8.42
CA GLY A 24 22.86 -0.25 -8.15
C GLY A 24 22.56 -0.92 -6.83
N ARG A 25 23.62 -1.24 -6.09
CA ARG A 25 23.48 -2.04 -4.87
C ARG A 25 22.59 -1.36 -3.83
N PHE A 26 22.81 -0.06 -3.61
CA PHE A 26 22.09 0.64 -2.55
C PHE A 26 20.58 0.60 -2.80
N GLN A 27 20.18 0.93 -4.03
CA GLN A 27 18.75 0.99 -4.34
C GLN A 27 18.09 -0.38 -4.18
N TRP A 28 18.79 -1.44 -4.59
CA TRP A 28 18.19 -2.78 -4.46
C TRP A 28 18.11 -3.21 -3.00
N THR A 29 19.12 -2.88 -2.20
CA THR A 29 19.05 -3.18 -0.77
C THR A 29 17.86 -2.46 -0.13
N LEU A 30 17.70 -1.18 -0.44
CA LEU A 30 16.56 -0.43 0.08
C LEU A 30 15.26 -1.01 -0.44
N TYR A 31 15.25 -1.50 -1.68
CA TYR A 31 14.07 -2.10 -2.26
C TYR A 31 13.62 -3.30 -1.43
N PHE A 32 14.55 -4.19 -1.09
CA PHE A 32 14.19 -5.34 -0.26
C PHE A 32 13.76 -4.90 1.14
N VAL A 33 14.47 -3.93 1.72
CA VAL A 33 14.17 -3.49 3.08
C VAL A 33 12.75 -2.94 3.17
N LEU A 34 12.34 -2.16 2.17
CA LEU A 34 10.96 -1.63 2.14
C LEU A 34 9.96 -2.66 1.63
N GLY A 35 10.41 -3.66 0.88
CA GLY A 35 9.54 -4.76 0.53
C GLY A 35 9.05 -5.51 1.74
N LEU A 36 9.92 -5.64 2.75
CA LEU A 36 9.45 -6.23 4.01
C LEU A 36 8.30 -5.42 4.60
N ALA A 37 8.42 -4.10 4.58
CA ALA A 37 7.36 -3.25 5.14
C ALA A 37 6.06 -3.39 4.36
N LEU A 38 6.16 -3.49 3.03
CA LEU A 38 4.95 -3.71 2.24
C LEU A 38 4.35 -5.09 2.49
N MET A 39 5.21 -6.08 2.72
CA MET A 39 4.75 -7.43 3.05
C MET A 39 3.93 -7.41 4.35
N ALA A 40 4.38 -6.62 5.33
CA ALA A 40 3.61 -6.48 6.56
C ALA A 40 2.19 -5.98 6.28
N ASP A 41 2.08 -4.97 5.41
CA ASP A 41 0.77 -4.41 5.08
C ASP A 41 -0.09 -5.42 4.35
N GLY A 42 0.50 -6.19 3.43
CA GLY A 42 -0.26 -7.23 2.76
C GLY A 42 -0.78 -8.27 3.73
N VAL A 43 0.06 -8.67 4.69
CA VAL A 43 -0.37 -9.62 5.72
C VAL A 43 -1.57 -9.07 6.48
N GLU A 44 -1.47 -7.82 6.92
CA GLU A 44 -2.57 -7.23 7.68
C GLU A 44 -3.85 -7.17 6.84
N VAL A 45 -3.72 -6.77 5.58
CA VAL A 45 -4.89 -6.70 4.70
C VAL A 45 -5.56 -8.05 4.59
N PHE A 46 -4.77 -9.11 4.35
CA PHE A 46 -5.36 -10.44 4.23
C PHE A 46 -6.04 -10.85 5.54
N VAL A 47 -5.36 -10.66 6.67
CA VAL A 47 -5.92 -11.05 7.96
C VAL A 47 -7.28 -10.38 8.15
N VAL A 48 -7.32 -9.06 7.94
CA VAL A 48 -8.56 -8.32 8.14
C VAL A 48 -9.64 -8.82 7.20
N GLY A 49 -9.31 -8.96 5.92
CA GLY A 49 -10.33 -9.28 4.94
C GLY A 49 -10.93 -10.66 5.12
N PHE A 50 -10.09 -11.66 5.39
CA PHE A 50 -10.52 -13.05 5.28
C PHE A 50 -10.48 -13.82 6.59
N VAL A 51 -9.47 -13.61 7.42
CA VAL A 51 -9.33 -14.40 8.64
C VAL A 51 -10.34 -13.96 9.70
N LEU A 52 -10.40 -12.66 9.98
CA LEU A 52 -11.24 -12.16 11.07
C LEU A 52 -12.72 -12.47 10.86
N PRO A 53 -13.32 -12.15 9.71
CA PRO A 53 -14.74 -12.49 9.54
C PRO A 53 -15.03 -13.99 9.62
N SER A 54 -14.15 -14.81 9.05
CA SER A 54 -14.33 -16.26 9.16
C SER A 54 -14.29 -16.69 10.63
N ALA A 55 -13.35 -16.14 11.40
CA ALA A 55 -13.30 -16.42 12.82
C ALA A 55 -14.60 -16.02 13.50
N GLU A 56 -15.09 -14.81 13.23
CA GLU A 56 -16.31 -14.36 13.85
C GLU A 56 -17.47 -15.29 13.56
N LYS A 57 -17.59 -15.75 12.31
CA LYS A 57 -18.63 -16.72 11.98
C LYS A 57 -18.40 -18.03 12.71
N ASP A 58 -17.14 -18.42 12.91
CA ASP A 58 -16.79 -19.59 13.70
C ASP A 58 -16.66 -19.29 15.19
N MET A 59 -17.21 -18.16 15.64
CA MET A 59 -17.08 -17.73 17.03
C MET A 59 -18.45 -17.74 17.70
N CYS A 60 -18.44 -17.70 19.03
CA CYS A 60 -19.67 -17.70 19.80
C CYS A 60 -20.26 -16.29 19.83
N LEU A 61 -20.59 -15.76 18.67
CA LEU A 61 -21.06 -14.38 18.52
C LEU A 61 -22.49 -14.37 18.01
N SER A 62 -23.23 -13.34 18.43
CA SER A 62 -24.58 -13.14 17.91
C SER A 62 -24.53 -12.83 16.42
N ASP A 63 -25.61 -13.18 15.72
CA ASP A 63 -25.66 -12.97 14.28
C ASP A 63 -25.37 -11.53 13.90
N SER A 64 -25.76 -10.58 14.75
CA SER A 64 -25.57 -9.17 14.45
C SER A 64 -24.10 -8.76 14.40
N ASN A 65 -23.20 -9.55 15.00
CA ASN A 65 -21.80 -9.18 15.17
C ASN A 65 -20.86 -10.02 14.29
N LYS A 66 -21.36 -10.61 13.22
CA LYS A 66 -20.58 -11.53 12.41
C LYS A 66 -19.62 -10.84 11.43
N GLY A 67 -19.59 -9.51 11.40
CA GLY A 67 -18.77 -8.80 10.43
C GLY A 67 -18.14 -7.50 10.92
N MET A 68 -18.09 -7.30 12.24
CA MET A 68 -17.63 -6.02 12.78
C MET A 68 -16.12 -5.83 12.64
N LEU A 69 -15.34 -6.87 12.88
CA LEU A 69 -13.89 -6.71 12.97
C LEU A 69 -13.31 -6.13 11.69
N GLY A 70 -13.70 -6.67 10.53
CA GLY A 70 -13.16 -6.16 9.28
C GLY A 70 -13.47 -4.69 9.09
N LEU A 71 -14.73 -4.31 9.32
CA LEU A 71 -15.14 -2.92 9.16
C LEU A 71 -14.32 -2.00 10.05
N ILE A 72 -14.27 -2.30 11.35
CA ILE A 72 -13.61 -1.39 12.28
C ILE A 72 -12.11 -1.34 12.02
N VAL A 73 -11.51 -2.48 11.66
CA VAL A 73 -10.07 -2.49 11.41
C VAL A 73 -9.74 -1.71 10.15
N TYR A 74 -10.59 -1.81 9.13
CA TYR A 74 -10.37 -1.01 7.92
C TYR A 74 -10.51 0.49 8.21
N LEU A 75 -11.48 0.86 9.04
CA LEU A 75 -11.59 2.26 9.43
C LEU A 75 -10.35 2.72 10.17
N GLY A 76 -9.83 1.88 11.06
CA GLY A 76 -8.57 2.20 11.72
C GLY A 76 -7.42 2.35 10.73
N MET A 77 -7.39 1.50 9.70
CA MET A 77 -6.39 1.62 8.66
C MET A 77 -6.49 2.97 7.96
N MET A 78 -7.72 3.39 7.66
CA MET A 78 -7.93 4.70 7.05
C MET A 78 -7.35 5.81 7.93
N VAL A 79 -7.70 5.78 9.21
CA VAL A 79 -7.24 6.82 10.13
C VAL A 79 -5.71 6.82 10.20
N GLY A 80 -5.12 5.63 10.34
CA GLY A 80 -3.68 5.54 10.43
C GLY A 80 -2.99 5.99 9.15
N ALA A 81 -3.57 5.65 8.00
CA ALA A 81 -3.01 6.09 6.73
C ALA A 81 -2.93 7.60 6.68
N PHE A 82 -4.04 8.28 6.99
CA PHE A 82 -4.02 9.74 6.95
C PHE A 82 -3.03 10.30 7.96
N LEU A 83 -3.04 9.76 9.19
CA LEU A 83 -2.17 10.28 10.25
C LEU A 83 -0.70 10.16 9.86
N TRP A 84 -0.28 8.97 9.45
CA TRP A 84 1.13 8.74 9.17
C TRP A 84 1.57 9.40 7.87
N GLY A 85 0.67 9.55 6.90
CA GLY A 85 1.00 10.33 5.72
C GLY A 85 1.22 11.78 6.05
N GLY A 86 0.37 12.35 6.90
CA GLY A 86 0.54 13.75 7.28
C GLY A 86 1.85 14.00 8.00
N LEU A 87 2.18 13.15 8.98
CA LEU A 87 3.37 13.38 9.78
C LEU A 87 4.66 13.13 9.01
N ALA A 88 4.65 12.19 8.07
CA ALA A 88 5.88 11.83 7.36
C ALA A 88 6.50 13.05 6.69
N ASP A 89 5.70 14.02 6.27
CA ASP A 89 6.24 15.21 5.64
C ASP A 89 7.05 16.06 6.62
N ARG A 90 6.62 16.11 7.89
CA ARG A 90 7.24 16.99 8.87
C ARG A 90 8.30 16.28 9.71
N LEU A 91 8.10 15.02 10.05
CA LEU A 91 9.05 14.28 10.88
C LEU A 91 10.06 13.47 10.07
N GLY A 92 9.72 13.07 8.84
CA GLY A 92 10.62 12.29 8.02
C GLY A 92 10.01 10.98 7.56
N ARG A 93 10.53 10.41 6.48
CA ARG A 93 10.00 9.15 5.99
C ARG A 93 10.40 7.99 6.89
N ARG A 94 11.71 7.86 7.15
CA ARG A 94 12.20 6.76 7.97
C ARG A 94 11.64 6.82 9.39
N GLN A 95 11.59 8.02 9.97
CA GLN A 95 11.09 8.17 11.33
C GLN A 95 9.66 7.68 11.45
N CYS A 96 8.78 8.15 10.57
CA CYS A 96 7.37 7.78 10.65
C CYS A 96 7.16 6.32 10.28
N LEU A 97 7.94 5.79 9.32
CA LEU A 97 7.82 4.37 9.00
C LEU A 97 8.20 3.52 10.20
N LEU A 98 9.28 3.89 10.89
CA LEU A 98 9.68 3.15 12.08
C LEU A 98 8.60 3.23 13.15
N ILE A 99 8.05 4.42 13.40
CA ILE A 99 7.05 4.56 14.45
C ILE A 99 5.80 3.75 14.11
N SER A 100 5.32 3.83 12.87
CA SER A 100 4.12 3.11 12.48
C SER A 100 4.34 1.60 12.57
N LEU A 101 5.47 1.11 12.07
CA LEU A 101 5.75 -0.32 12.16
C LEU A 101 5.87 -0.76 13.61
N SER A 102 6.46 0.09 14.47
CA SER A 102 6.55 -0.24 15.88
C SER A 102 5.17 -0.39 16.49
N VAL A 103 4.28 0.57 16.22
CA VAL A 103 2.92 0.48 16.74
C VAL A 103 2.26 -0.81 16.26
N ASN A 104 2.38 -1.09 14.96
CA ASN A 104 1.78 -2.30 14.41
C ASN A 104 2.29 -3.54 15.11
N SER A 105 3.62 -3.69 15.20
CA SER A 105 4.20 -4.89 15.77
C SER A 105 3.82 -5.05 17.24
N VAL A 106 3.90 -3.95 18.00
CA VAL A 106 3.59 -4.02 19.42
C VAL A 106 2.15 -4.48 19.63
N PHE A 107 1.21 -3.85 18.93
CA PHE A 107 -0.18 -4.18 19.19
C PHE A 107 -0.57 -5.53 18.58
N ALA A 108 0.12 -5.97 17.53
CA ALA A 108 -0.03 -7.34 17.08
C ALA A 108 0.42 -8.32 18.15
N PHE A 109 1.56 -8.04 18.78
CA PHE A 109 2.07 -8.92 19.81
C PHE A 109 1.11 -9.00 21.00
N PHE A 110 0.56 -7.84 21.41
CA PHE A 110 -0.38 -7.82 22.52
C PHE A 110 -1.63 -8.64 22.22
N SER A 111 -2.12 -8.57 20.97
CA SER A 111 -3.38 -9.22 20.63
C SER A 111 -3.35 -10.73 20.81
N SER A 112 -2.16 -11.33 20.90
CA SER A 112 -2.05 -12.77 21.09
C SER A 112 -2.46 -13.20 22.49
N PHE A 113 -2.26 -12.35 23.50
CA PHE A 113 -2.55 -12.70 24.87
C PHE A 113 -3.92 -12.20 25.36
N VAL A 114 -4.70 -11.53 24.52
CA VAL A 114 -6.02 -11.11 24.98
C VAL A 114 -6.92 -12.33 25.13
N GLN A 115 -8.03 -12.11 25.83
CA GLN A 115 -8.86 -13.21 26.31
C GLN A 115 -10.33 -13.00 25.97
N GLY A 116 -10.73 -11.76 25.74
CA GLY A 116 -12.10 -11.51 25.37
C GLY A 116 -12.32 -11.38 23.88
N TYR A 117 -13.30 -10.56 23.52
CA TYR A 117 -13.52 -10.14 22.14
C TYR A 117 -13.26 -8.65 21.97
N GLY A 118 -13.71 -7.84 22.90
CA GLY A 118 -13.43 -6.42 22.84
C GLY A 118 -11.94 -6.13 22.90
N THR A 119 -11.20 -6.88 23.73
CA THR A 119 -9.77 -6.62 23.84
C THR A 119 -9.04 -6.99 22.56
N PHE A 120 -9.35 -8.15 21.98
CA PHE A 120 -8.72 -8.54 20.72
C PHE A 120 -9.08 -7.56 19.62
N LEU A 121 -10.35 -7.16 19.58
CA LEU A 121 -10.78 -6.13 18.63
C LEU A 121 -9.98 -4.85 18.82
N PHE A 122 -9.80 -4.41 20.05
CA PHE A 122 -9.06 -3.18 20.34
C PHE A 122 -7.62 -3.28 19.87
N CYS A 123 -6.93 -4.36 20.28
CA CYS A 123 -5.54 -4.53 19.90
C CYS A 123 -5.38 -4.61 18.39
N ARG A 124 -6.25 -5.37 17.71
CA ARG A 124 -6.16 -5.49 16.27
C ARG A 124 -6.52 -4.18 15.57
N LEU A 125 -7.41 -3.38 16.14
CA LEU A 125 -7.77 -2.11 15.54
C LEU A 125 -6.61 -1.12 15.62
N LEU A 126 -5.95 -1.06 16.78
CA LEU A 126 -4.77 -0.22 16.89
C LEU A 126 -3.65 -0.71 15.98
N SER A 127 -3.51 -2.04 15.83
CA SER A 127 -2.55 -2.57 14.87
C SER A 127 -2.86 -2.09 13.46
N GLY A 128 -4.13 -2.17 13.06
CA GLY A 128 -4.52 -1.65 11.75
C GLY A 128 -4.19 -0.17 11.61
N VAL A 129 -4.41 0.61 12.68
CA VAL A 129 -4.00 2.01 12.65
C VAL A 129 -2.51 2.13 12.36
N GLY A 130 -1.69 1.30 13.02
CA GLY A 130 -0.25 1.39 12.82
C GLY A 130 0.16 1.10 11.40
N ILE A 131 -0.34 0.02 10.82
CA ILE A 131 0.15 -0.44 9.52
C ILE A 131 -0.35 0.45 8.39
N GLY A 132 -1.41 1.23 8.62
CA GLY A 132 -2.04 1.94 7.53
C GLY A 132 -1.12 2.86 6.76
N GLY A 133 -0.09 3.39 7.43
CA GLY A 133 0.83 4.33 6.82
C GLY A 133 1.97 3.73 6.03
N SER A 134 2.02 2.41 5.88
CA SER A 134 3.18 1.78 5.25
C SER A 134 3.28 2.13 3.77
N ILE A 135 2.17 1.99 3.03
CA ILE A 135 2.23 2.17 1.58
C ILE A 135 2.60 3.60 1.19
N PRO A 136 1.94 4.64 1.69
CA PRO A 136 2.35 6.00 1.31
C PRO A 136 3.80 6.30 1.62
N ILE A 137 4.25 5.98 2.84
CA ILE A 137 5.60 6.32 3.24
C ILE A 137 6.61 5.52 2.42
N VAL A 138 6.33 4.25 2.16
CA VAL A 138 7.25 3.43 1.37
C VAL A 138 7.39 4.00 -0.03
N PHE A 139 6.26 4.32 -0.67
CA PHE A 139 6.33 4.77 -2.06
C PHE A 139 6.94 6.16 -2.17
N SER A 140 6.78 7.00 -1.14
CA SER A 140 7.45 8.31 -1.16
C SER A 140 8.93 8.18 -0.82
N TYR A 141 9.28 7.23 0.04
CA TYR A 141 10.66 7.07 0.50
C TYR A 141 11.54 6.46 -0.58
N PHE A 142 11.04 5.45 -1.30
CA PHE A 142 11.86 4.78 -2.30
C PHE A 142 12.02 5.63 -3.54
N SER A 143 10.97 6.36 -3.94
CA SER A 143 11.03 7.14 -5.17
C SER A 143 12.06 8.26 -5.08
N GLU A 144 12.35 8.75 -3.88
CA GLU A 144 13.30 9.85 -3.72
C GLU A 144 14.75 9.42 -3.94
N PHE A 145 15.02 8.12 -4.10
CA PHE A 145 16.34 7.63 -4.44
C PHE A 145 16.47 7.24 -5.90
N LEU A 146 15.42 7.43 -6.71
CA LEU A 146 15.39 6.96 -8.08
C LEU A 146 15.45 8.14 -9.04
N ALA A 147 16.34 8.05 -10.03
CA ALA A 147 16.41 9.05 -11.08
C ALA A 147 15.24 8.90 -12.05
N GLN A 148 14.92 10.00 -12.73
CA GLN A 148 13.77 9.99 -13.63
C GLN A 148 13.91 8.99 -14.77
N GLU A 149 15.15 8.64 -15.14
CA GLU A 149 15.35 7.79 -16.31
C GLU A 149 14.73 6.41 -16.13
N LYS A 150 14.73 5.88 -14.90
CA LYS A 150 14.13 4.58 -14.66
C LYS A 150 13.33 4.53 -13.36
N ARG A 151 12.80 5.66 -12.91
CA ARG A 151 11.99 5.67 -11.69
C ARG A 151 10.73 4.83 -11.86
N GLY A 152 10.05 4.97 -13.00
CA GLY A 152 8.81 4.24 -13.22
C GLY A 152 9.02 2.74 -13.27
N GLU A 153 10.08 2.29 -13.94
CA GLU A 153 10.36 0.87 -14.03
C GLU A 153 10.63 0.28 -12.65
N HIS A 154 11.41 0.98 -11.83
CA HIS A 154 11.80 0.44 -10.53
C HIS A 154 10.66 0.52 -9.51
N LEU A 155 9.80 1.54 -9.59
CA LEU A 155 8.67 1.63 -8.68
C LEU A 155 7.61 0.57 -8.95
N SER A 156 7.59 0.00 -10.16
CA SER A 156 6.56 -0.96 -10.52
C SER A 156 6.73 -2.32 -9.86
N TRP A 157 7.90 -2.60 -9.26
CA TRP A 157 8.17 -3.89 -8.67
C TRP A 157 7.93 -3.94 -7.17
N LEU A 158 7.50 -2.84 -6.56
CA LEU A 158 7.26 -2.83 -5.12
C LEU A 158 6.05 -3.66 -4.74
N CYS A 159 5.04 -3.73 -5.62
CA CYS A 159 3.78 -4.38 -5.26
C CYS A 159 3.93 -5.89 -5.07
N MET A 160 5.01 -6.49 -5.56
CA MET A 160 5.16 -7.94 -5.43
C MET A 160 5.22 -8.35 -3.96
N PHE A 161 5.85 -7.54 -3.12
CA PHE A 161 5.95 -7.89 -1.70
C PHE A 161 4.58 -7.86 -1.02
N TRP A 162 3.67 -7.00 -1.48
CA TRP A 162 2.31 -7.01 -0.97
C TRP A 162 1.63 -8.35 -1.28
N MET A 163 1.78 -8.82 -2.52
CA MET A 163 1.22 -10.11 -2.91
C MET A 163 1.86 -11.24 -2.11
N ILE A 164 3.19 -11.18 -1.93
CA ILE A 164 3.86 -12.23 -1.19
C ILE A 164 3.44 -12.23 0.27
N GLY A 165 3.18 -11.05 0.83
CA GLY A 165 2.67 -10.98 2.19
C GLY A 165 1.30 -11.59 2.33
N GLY A 166 0.42 -11.32 1.36
CA GLY A 166 -0.89 -11.95 1.37
C GLY A 166 -0.79 -13.46 1.25
N VAL A 167 0.08 -13.95 0.37
CA VAL A 167 0.27 -15.38 0.21
C VAL A 167 0.80 -15.99 1.50
N TYR A 168 1.76 -15.32 2.14
CA TYR A 168 2.30 -15.78 3.41
C TYR A 168 1.19 -15.89 4.46
N ALA A 169 0.35 -14.86 4.56
CA ALA A 169 -0.74 -14.89 5.53
C ALA A 169 -1.68 -16.04 5.24
N ALA A 170 -2.05 -16.24 3.98
CA ALA A 170 -2.96 -17.32 3.64
C ALA A 170 -2.35 -18.68 3.95
N ALA A 171 -1.08 -18.87 3.62
CA ALA A 171 -0.43 -20.14 3.88
C ALA A 171 -0.33 -20.42 5.37
N MET A 172 0.01 -19.40 6.17
CA MET A 172 0.08 -19.59 7.61
C MET A 172 -1.30 -19.90 8.19
N ALA A 173 -2.33 -19.21 7.70
CA ALA A 173 -3.69 -19.51 8.14
C ALA A 173 -4.05 -20.95 7.87
N TRP A 174 -3.77 -21.43 6.65
CA TRP A 174 -4.09 -22.81 6.32
C TRP A 174 -3.29 -23.80 7.16
N ALA A 175 -2.01 -23.50 7.40
CA ALA A 175 -1.15 -24.45 8.09
C ALA A 175 -1.45 -24.52 9.58
N ILE A 176 -1.81 -23.40 10.20
CA ILE A 176 -1.94 -23.33 11.66
C ILE A 176 -3.39 -23.49 12.09
N ILE A 177 -4.31 -22.79 11.43
CA ILE A 177 -5.73 -22.83 11.82
C ILE A 177 -6.60 -23.08 10.60
N PRO A 178 -6.53 -24.27 9.99
CA PRO A 178 -7.41 -24.54 8.84
C PRO A 178 -8.86 -24.73 9.24
N HIS A 179 -9.68 -23.71 8.97
CA HIS A 179 -11.13 -23.74 9.23
C HIS A 179 -11.44 -24.43 10.56
N TYR A 180 -10.66 -24.08 11.58
CA TYR A 180 -10.92 -24.54 12.94
C TYR A 180 -11.96 -23.65 13.61
N GLY A 181 -12.48 -24.14 14.74
CA GLY A 181 -13.24 -23.26 15.63
C GLY A 181 -12.34 -22.24 16.30
N TRP A 182 -12.95 -21.13 16.71
CA TRP A 182 -12.22 -20.02 17.29
C TRP A 182 -12.82 -19.68 18.66
N SER A 183 -11.98 -19.63 19.68
CA SER A 183 -12.41 -19.32 21.03
C SER A 183 -11.33 -18.52 21.73
N PHE A 184 -11.74 -17.74 22.73
CA PHE A 184 -10.82 -16.91 23.49
C PHE A 184 -10.64 -17.36 24.93
N GLY A 187 -9.30 -21.87 25.83
CA GLY A 187 -9.60 -23.22 25.38
C GLY A 187 -8.48 -23.86 24.59
N SER A 188 -7.89 -23.10 23.65
CA SER A 188 -6.87 -23.68 22.78
C SER A 188 -5.55 -23.88 23.52
N ALA A 189 -5.27 -23.06 24.52
CA ALA A 189 -4.05 -23.17 25.33
C ALA A 189 -2.79 -22.93 24.52
N TYR A 190 -2.90 -22.31 23.34
CA TYR A 190 -1.74 -21.97 22.52
C TYR A 190 -0.90 -23.21 22.19
N GLN A 191 -1.58 -24.30 21.86
CA GLN A 191 -0.89 -25.55 21.52
C GLN A 191 -0.46 -25.56 20.07
N PHE A 192 0.31 -24.54 19.65
CA PHE A 192 0.73 -24.39 18.26
C PHE A 192 -0.47 -24.18 17.34
N HIS A 193 -1.35 -25.19 17.25
CA HIS A 193 -2.53 -25.08 16.41
C HIS A 193 -3.59 -24.22 17.08
N SER A 194 -3.24 -22.97 17.36
CA SER A 194 -4.14 -22.02 18.00
C SER A 194 -4.00 -20.68 17.32
N TRP A 195 -5.08 -19.90 17.33
CA TRP A 195 -5.06 -18.60 16.66
C TRP A 195 -4.00 -17.68 17.25
N ARG A 196 -3.63 -17.88 18.51
CA ARG A 196 -2.61 -17.02 19.12
C ARG A 196 -1.28 -17.16 18.39
N VAL A 197 -0.88 -18.39 18.06
CA VAL A 197 0.39 -18.59 17.38
C VAL A 197 0.34 -18.02 15.98
N PHE A 198 -0.77 -18.25 15.27
CA PHE A 198 -0.96 -17.63 13.95
C PHE A 198 -0.81 -16.12 14.04
N VAL A 199 -1.43 -15.51 15.05
CA VAL A 199 -1.28 -14.07 15.27
C VAL A 199 0.19 -13.72 15.45
N LEU A 200 0.89 -14.45 16.31
CA LEU A 200 2.31 -14.19 16.52
C LEU A 200 3.10 -14.37 15.24
N VAL A 201 2.81 -15.44 14.49
CA VAL A 201 3.56 -15.71 13.27
C VAL A 201 3.37 -14.59 12.26
N CYS A 202 2.14 -14.08 12.14
CA CYS A 202 1.87 -13.01 11.17
C CYS A 202 2.58 -11.73 11.52
N ALA A 203 3.04 -11.56 12.76
CA ALA A 203 3.77 -10.36 13.15
C ALA A 203 5.22 -10.37 12.70
N PHE A 204 5.78 -11.53 12.38
CA PHE A 204 7.19 -11.63 12.02
C PHE A 204 7.59 -10.70 10.90
N PRO A 205 6.86 -10.59 9.79
CA PRO A 205 7.27 -9.65 8.73
C PRO A 205 7.45 -8.24 9.24
N SER A 206 6.55 -7.75 10.10
CA SER A 206 6.68 -6.39 10.62
C SER A 206 7.93 -6.25 11.49
N VAL A 207 8.18 -7.24 12.35
CA VAL A 207 9.35 -7.18 13.23
C VAL A 207 10.63 -7.15 12.40
N PHE A 208 10.70 -8.01 11.38
CA PHE A 208 11.88 -8.03 10.52
C PHE A 208 12.02 -6.72 9.75
N ALA A 209 10.90 -6.13 9.34
CA ALA A 209 10.96 -4.84 8.67
C ALA A 209 11.53 -3.77 9.60
N ILE A 210 11.11 -3.77 10.87
CA ILE A 210 11.66 -2.81 11.83
C ILE A 210 13.16 -3.04 11.98
N GLY A 211 13.57 -4.31 12.13
CA GLY A 211 14.98 -4.60 12.32
C GLY A 211 15.83 -4.14 11.14
N ALA A 212 15.40 -4.48 9.93
CA ALA A 212 16.16 -4.11 8.73
C ALA A 212 16.10 -2.61 8.49
N LEU A 213 14.95 -1.99 8.75
CA LEU A 213 14.78 -0.57 8.41
C LEU A 213 15.77 0.31 9.18
N THR A 214 16.16 -0.09 10.39
CA THR A 214 17.06 0.72 11.19
C THR A 214 18.46 0.80 10.61
N THR A 215 18.74 0.10 9.52
CA THR A 215 20.04 0.17 8.87
C THR A 215 20.08 1.18 7.73
N GLN A 216 18.95 1.47 7.11
CA GLN A 216 18.93 2.33 5.94
C GLN A 216 18.98 3.81 6.34
N PRO A 217 19.42 4.68 5.41
CA PRO A 217 19.50 6.11 5.73
C PRO A 217 18.24 6.88 5.39
N GLU A 218 17.88 7.85 6.23
CA GLU A 218 16.79 8.75 5.90
C GLU A 218 17.00 9.34 4.51
N SER A 219 15.88 9.71 3.87
CA SER A 219 15.94 10.25 2.52
C SER A 219 16.72 11.56 2.50
N PRO A 220 17.55 11.82 1.48
CA PRO A 220 18.20 13.13 1.39
C PRO A 220 17.26 14.25 0.95
N ARG A 221 16.21 13.94 0.19
CA ARG A 221 15.31 14.99 -0.28
C ARG A 221 14.58 15.65 0.89
N PHE A 222 14.19 14.85 1.89
CA PHE A 222 13.54 15.42 3.06
C PHE A 222 14.46 16.39 3.79
N PHE A 223 15.73 16.03 3.94
CA PHE A 223 16.67 16.92 4.61
C PHE A 223 16.87 18.21 3.82
N LEU A 224 17.05 18.11 2.50
CA LEU A 224 17.26 19.30 1.68
C LEU A 224 16.03 20.19 1.68
N GLU A 225 14.84 19.60 1.67
CA GLU A 225 13.61 20.39 1.73
C GLU A 225 13.40 21.05 3.09
N ASN A 226 14.18 20.68 4.10
CA ASN A 226 14.01 21.22 5.46
C ASN A 226 15.30 21.86 5.97
N GLY A 227 16.22 22.22 5.09
CA GLY A 227 17.39 22.99 5.48
C GLY A 227 18.50 22.21 6.16
N LYS A 228 18.49 20.88 6.08
CA LYS A 228 19.56 20.06 6.67
C LYS A 228 20.50 19.63 5.55
N HIS A 229 21.46 20.52 5.26
CA HIS A 229 22.37 20.28 4.13
C HIS A 229 23.34 19.15 4.41
N ASP A 230 23.98 19.17 5.58
CA ASP A 230 25.08 18.25 5.83
C ASP A 230 24.60 16.80 5.90
N GLU A 231 23.45 16.56 6.53
CA GLU A 231 22.93 15.20 6.60
C GLU A 231 22.61 14.68 5.20
N ALA A 232 21.98 15.51 4.36
CA ALA A 232 21.68 15.10 3.00
C ALA A 232 22.95 14.81 2.23
N TRP A 233 23.97 15.65 2.40
CA TRP A 233 25.23 15.42 1.69
C TRP A 233 25.85 14.10 2.12
N MET A 234 25.84 13.81 3.42
CA MET A 234 26.42 12.55 3.89
C MET A 234 25.64 11.35 3.38
N VAL A 235 24.30 11.44 3.36
CA VAL A 235 23.51 10.32 2.85
C VAL A 235 23.78 10.10 1.36
N LEU A 236 23.85 11.18 0.59
CA LEU A 236 24.11 11.05 -0.84
C LEU A 236 25.50 10.49 -1.09
N LYS A 237 26.48 10.90 -0.28
CA LYS A 237 27.82 10.32 -0.39
C LYS A 237 27.79 8.83 -0.07
N GLN A 238 27.01 8.43 0.94
CA GLN A 238 26.87 7.01 1.24
C GLN A 238 26.30 6.26 0.05
N VAL A 239 25.25 6.81 -0.57
CA VAL A 239 24.65 6.15 -1.73
C VAL A 239 25.69 6.00 -2.84
N HIS A 240 26.39 7.08 -3.16
CA HIS A 240 27.38 7.05 -4.24
C HIS A 240 28.49 6.05 -3.94
N ASP A 241 29.01 6.07 -2.71
CA ASP A 241 30.10 5.17 -2.35
C ASP A 241 29.65 3.72 -2.43
N THR A 242 28.45 3.41 -1.93
CA THR A 242 27.96 2.05 -2.00
C THR A 242 27.83 1.59 -3.45
N ASN A 243 27.21 2.42 -4.30
CA ASN A 243 27.01 2.04 -5.68
C ASN A 243 28.33 1.84 -6.42
N MET A 244 29.29 2.74 -6.21
CA MET A 244 30.54 2.64 -6.95
C MET A 244 31.42 1.50 -6.42
N ARG A 245 31.43 1.29 -5.10
CA ARG A 245 32.21 0.20 -4.53
C ARG A 245 31.64 -1.16 -4.94
N ALA A 246 30.31 -1.27 -5.06
CA ALA A 246 29.73 -2.52 -5.51
C ALA A 246 30.02 -2.78 -6.98
N LYS A 247 30.17 -1.73 -7.80
CA LYS A 247 30.38 -1.87 -9.23
C LYS A 247 31.84 -2.06 -9.60
N GLY A 248 32.75 -2.06 -8.64
CA GLY A 248 34.17 -2.25 -8.94
C GLY A 248 34.93 -1.00 -9.28
N HIS A 249 34.44 0.17 -8.91
CA HIS A 249 35.15 1.43 -9.12
C HIS A 249 35.21 2.21 -7.81
N PRO A 250 35.88 1.66 -6.79
CA PRO A 250 35.98 2.38 -5.51
C PRO A 250 36.81 3.65 -5.59
N GLU A 251 37.64 3.80 -6.63
CA GLU A 251 38.52 4.97 -6.73
C GLU A 251 37.75 6.28 -6.91
N ARG A 252 36.49 6.22 -7.32
CA ARG A 252 35.74 7.44 -7.61
C ARG A 252 35.44 8.21 -6.34
N VAL A 253 35.47 9.55 -6.46
CA VAL A 253 35.25 10.45 -5.34
C VAL A 253 33.97 11.24 -5.60
N PHE A 254 33.11 11.31 -4.58
CA PHE A 254 31.87 12.06 -4.69
C PHE A 254 32.18 13.55 -4.84
N SER A 255 31.85 14.11 -6.01
CA SER A 255 32.30 15.44 -6.39
C SER A 255 31.34 16.55 -6.01
N VAL A 256 30.15 16.24 -5.50
CA VAL A 256 29.18 17.29 -5.17
C VAL A 256 29.76 18.17 -4.08
N THR A 257 29.86 19.47 -4.35
CA THR A 257 30.42 20.43 -3.40
C THR A 257 29.34 21.02 -2.50
N HIS A 258 28.28 21.59 -3.09
CA HIS A 258 27.22 22.22 -2.32
C HIS A 258 25.90 21.95 -3.02
N ILE A 259 24.83 21.84 -2.23
CA ILE A 259 23.51 21.49 -2.71
C ILE A 259 22.53 22.58 -2.26
N LYS A 260 21.60 22.94 -3.15
CA LYS A 260 20.58 23.90 -2.80
C LYS A 260 19.72 23.36 -1.65
N THR A 261 19.44 24.22 -0.67
CA THR A 261 18.59 23.86 0.46
C THR A 261 17.52 24.90 0.68
N ILE A 262 16.38 24.46 1.20
CA ILE A 262 15.22 25.31 1.43
C ILE A 262 15.12 25.58 2.93
N HIS A 263 15.02 26.85 3.28
CA HIS A 263 14.92 27.25 4.69
C HIS A 263 13.56 27.89 4.98
N THR A 277 8.28 22.13 31.60
CA THR A 277 7.80 20.79 31.93
C THR A 277 7.43 20.02 30.68
N TRP A 278 7.24 18.70 30.83
CA TRP A 278 6.88 17.88 29.68
C TRP A 278 5.51 18.24 29.13
N TYR A 279 4.52 18.48 30.02
CA TYR A 279 3.18 18.81 29.55
C TYR A 279 3.12 20.21 28.94
N GLN A 280 4.13 21.04 29.15
CA GLN A 280 4.18 22.34 28.48
C GLN A 280 4.79 22.22 27.09
N ARG A 281 5.96 21.58 27.00
CA ARG A 281 6.64 21.46 25.71
C ARG A 281 5.83 20.59 24.74
N TRP A 282 5.28 19.49 25.23
CA TRP A 282 4.54 18.59 24.35
C TRP A 282 3.32 19.28 23.76
N GLY A 283 2.66 20.14 24.52
CA GLY A 283 1.50 20.83 23.99
C GLY A 283 1.83 21.68 22.78
N VAL A 284 2.86 22.52 22.91
CA VAL A 284 3.25 23.38 21.80
C VAL A 284 3.72 22.56 20.62
N ARG A 285 4.51 21.51 20.87
CA ARG A 285 5.01 20.69 19.77
C ARG A 285 3.86 20.00 19.02
N ALA A 286 2.91 19.44 19.76
CA ALA A 286 1.79 18.76 19.13
C ALA A 286 0.92 19.74 18.35
N LEU A 287 0.66 20.92 18.93
CA LEU A 287 -0.16 21.89 18.22
C LEU A 287 0.53 22.36 16.93
N SER A 288 1.84 22.61 16.99
CA SER A 288 2.55 23.03 15.79
C SER A 288 2.54 21.94 14.73
N LEU A 289 2.75 20.68 15.14
CA LEU A 289 2.71 19.58 14.18
C LEU A 289 1.34 19.46 13.54
N GLY A 290 0.27 19.55 14.34
CA GLY A 290 -1.06 19.47 13.79
C GLY A 290 -1.36 20.60 12.82
N GLY A 291 -0.96 21.82 13.18
CA GLY A 291 -1.17 22.94 12.29
C GLY A 291 -0.44 22.78 10.97
N GLN A 292 0.81 22.34 11.02
CA GLN A 292 1.58 22.15 9.79
C GLN A 292 0.97 21.04 8.93
N VAL A 293 0.53 19.95 9.56
CA VAL A 293 -0.08 18.86 8.80
C VAL A 293 -1.37 19.32 8.13
N TRP A 294 -2.20 20.05 8.87
CA TRP A 294 -3.46 20.54 8.29
C TRP A 294 -3.19 21.52 7.17
N GLY A 295 -2.19 22.40 7.33
CA GLY A 295 -1.83 23.31 6.27
C GLY A 295 -1.36 22.58 5.02
N ASN A 296 -0.60 21.50 5.20
CA ASN A 296 -0.19 20.70 4.06
C ASN A 296 -1.39 20.06 3.37
N PHE A 297 -2.35 19.58 4.16
CA PHE A 297 -3.52 18.91 3.57
C PHE A 297 -4.33 19.89 2.71
N LEU A 298 -4.61 21.08 3.24
CA LEU A 298 -5.43 22.03 2.50
C LEU A 298 -4.75 22.48 1.22
N SER A 299 -3.42 22.46 1.18
CA SER A 299 -2.70 22.89 -0.02
C SER A 299 -3.04 22.00 -1.21
N CYS A 300 -3.44 20.75 -0.96
CA CYS A 300 -3.79 19.84 -2.04
C CYS A 300 -5.06 20.26 -2.78
N PHE A 301 -5.85 21.17 -2.22
CA PHE A 301 -7.08 21.64 -2.83
C PHE A 301 -7.00 23.09 -3.30
N GLY A 302 -5.79 23.66 -3.32
CA GLY A 302 -5.61 25.00 -3.82
C GLY A 302 -5.77 25.05 -5.33
N PRO A 303 -5.77 26.25 -5.91
CA PRO A 303 -5.95 26.35 -7.36
C PRO A 303 -4.88 25.64 -8.16
N GLU A 304 -3.70 25.41 -7.59
CA GLU A 304 -2.63 24.73 -8.29
C GLU A 304 -2.82 23.23 -8.38
N TYR A 305 -3.60 22.63 -7.46
CA TYR A 305 -3.75 21.19 -7.41
C TYR A 305 -5.19 20.71 -7.24
N ARG A 306 -6.18 21.61 -7.19
CA ARG A 306 -7.54 21.18 -6.87
C ARG A 306 -8.08 20.20 -7.91
N ARG A 307 -7.88 20.49 -9.19
CA ARG A 307 -8.39 19.60 -10.23
C ARG A 307 -7.70 18.24 -10.17
N ILE A 308 -6.38 18.23 -10.02
CA ILE A 308 -5.64 16.98 -9.95
C ILE A 308 -6.11 16.15 -8.77
N THR A 309 -6.26 16.79 -7.60
CA THR A 309 -6.71 16.06 -6.42
C THR A 309 -8.11 15.53 -6.60
N LEU A 310 -9.01 16.34 -7.17
CA LEU A 310 -10.40 15.91 -7.32
C LEU A 310 -10.53 14.74 -8.28
N MET A 311 -9.68 14.67 -9.30
CA MET A 311 -9.75 13.53 -10.22
C MET A 311 -9.02 12.30 -9.66
N MET A 312 -7.91 12.51 -8.95
CA MET A 312 -7.22 11.40 -8.31
C MET A 312 -8.11 10.75 -7.26
N MET A 313 -8.90 11.55 -6.55
CA MET A 313 -9.85 11.00 -5.59
C MET A 313 -10.79 10.01 -6.27
N GLY A 314 -11.38 10.41 -7.39
CA GLY A 314 -12.30 9.52 -8.09
C GLY A 314 -11.62 8.27 -8.60
N VAL A 315 -10.43 8.42 -9.19
CA VAL A 315 -9.72 7.26 -9.71
C VAL A 315 -9.42 6.27 -8.59
N TRP A 316 -8.83 6.77 -7.50
CA TRP A 316 -8.49 5.90 -6.37
C TRP A 316 -9.74 5.24 -5.80
N PHE A 317 -10.81 6.01 -5.60
CA PHE A 317 -12.02 5.46 -5.01
C PHE A 317 -12.59 4.35 -5.86
N THR A 318 -12.76 4.60 -7.16
CA THR A 318 -13.36 3.57 -8.02
C THR A 318 -12.48 2.34 -8.10
N MET A 319 -11.17 2.51 -8.27
CA MET A 319 -10.30 1.35 -8.41
C MET A 319 -10.26 0.52 -7.13
N SER A 320 -10.13 1.18 -5.97
CA SER A 320 -10.12 0.44 -4.72
C SER A 320 -11.45 -0.25 -4.48
N PHE A 321 -12.56 0.46 -4.71
CA PHE A 321 -13.87 -0.14 -4.59
C PHE A 321 -13.96 -1.44 -5.36
N SER A 322 -13.71 -1.37 -6.68
CA SER A 322 -13.86 -2.56 -7.51
C SER A 322 -12.91 -3.66 -7.07
N TYR A 323 -11.63 -3.33 -6.90
CA TYR A 323 -10.64 -4.38 -6.64
C TYR A 323 -10.91 -5.08 -5.32
N TYR A 324 -11.06 -4.32 -4.23
CA TYR A 324 -11.27 -4.93 -2.93
C TYR A 324 -12.59 -5.66 -2.86
N GLY A 325 -13.66 -5.08 -3.43
CA GLY A 325 -14.93 -5.77 -3.44
C GLY A 325 -14.85 -7.11 -4.14
N LEU A 326 -14.28 -7.13 -5.34
CA LEU A 326 -14.18 -8.39 -6.08
C LEU A 326 -13.31 -9.40 -5.35
N THR A 327 -12.17 -8.96 -4.81
CA THR A 327 -11.26 -9.90 -4.16
C THR A 327 -11.88 -10.52 -2.91
N VAL A 328 -12.63 -9.74 -2.14
CA VAL A 328 -13.24 -10.30 -0.94
C VAL A 328 -14.51 -11.08 -1.29
N TRP A 329 -15.19 -10.74 -2.38
CA TRP A 329 -16.42 -11.42 -2.76
C TRP A 329 -16.15 -12.76 -3.44
N PHE A 330 -15.03 -12.88 -4.14
CA PHE A 330 -14.82 -14.07 -4.98
C PHE A 330 -14.79 -15.37 -4.19
N PRO A 331 -14.02 -15.50 -3.11
CA PRO A 331 -14.05 -16.77 -2.37
C PRO A 331 -15.44 -17.13 -1.86
N ASP A 332 -16.23 -16.13 -1.44
CA ASP A 332 -17.57 -16.42 -0.93
C ASP A 332 -18.47 -16.98 -2.02
N MET A 333 -18.40 -16.42 -3.23
CA MET A 333 -19.25 -16.94 -4.30
C MET A 333 -18.78 -18.31 -4.77
N ILE A 334 -17.47 -18.58 -4.69
CA ILE A 334 -16.97 -19.92 -4.98
C ILE A 334 -17.53 -20.91 -3.96
N ARG A 335 -17.50 -20.55 -2.69
CA ARG A 335 -18.09 -21.41 -1.66
C ARG A 335 -19.58 -21.61 -1.90
N HIS A 336 -20.28 -20.56 -2.34
CA HIS A 336 -21.70 -20.69 -2.62
C HIS A 336 -21.95 -21.63 -3.80
N LEU A 337 -21.13 -21.54 -4.85
CA LEU A 337 -21.26 -22.47 -5.96
C LEU A 337 -21.05 -23.91 -5.50
N GLN A 338 -20.01 -24.13 -4.68
CA GLN A 338 -19.77 -25.47 -4.15
C GLN A 338 -20.94 -25.96 -3.31
N ALA A 339 -21.51 -25.08 -2.48
CA ALA A 339 -22.63 -25.47 -1.65
C ALA A 339 -23.85 -25.80 -2.50
N VAL A 340 -24.11 -25.03 -3.55
CA VAL A 340 -25.24 -25.31 -4.43
C VAL A 340 -25.04 -26.65 -5.13
N ASP A 341 -23.82 -26.92 -5.61
CA ASP A 341 -23.54 -28.21 -6.23
C ASP A 341 -23.74 -29.34 -5.23
N TYR A 342 -23.29 -29.16 -3.99
CA TYR A 342 -23.44 -30.20 -2.98
C TYR A 342 -24.90 -30.44 -2.64
N ALA A 343 -25.71 -29.38 -2.64
CA ALA A 343 -27.12 -29.50 -2.29
C ALA A 343 -27.97 -30.10 -3.40
N SER A 344 -27.43 -30.21 -4.62
CA SER A 344 -28.17 -30.79 -5.72
C SER A 344 -28.60 -32.22 -5.40
N GLY A 455 -11.61 -25.71 2.73
CA GLY A 455 -12.15 -24.36 2.71
C GLY A 455 -11.07 -23.31 2.78
N ALA A 456 -10.27 -23.35 3.86
CA ALA A 456 -9.17 -22.41 4.01
C ALA A 456 -8.08 -22.61 2.97
N TYR A 457 -8.00 -23.80 2.37
CA TYR A 457 -6.99 -24.06 1.35
C TYR A 457 -7.34 -23.38 0.03
N MET A 458 -8.63 -23.22 -0.26
CA MET A 458 -9.03 -22.59 -1.52
C MET A 458 -8.56 -21.14 -1.58
N VAL A 459 -8.69 -20.41 -0.49
CA VAL A 459 -8.25 -19.01 -0.47
C VAL A 459 -6.75 -18.93 -0.72
N TYR A 460 -5.98 -19.80 -0.06
CA TYR A 460 -4.53 -19.79 -0.26
C TYR A 460 -4.15 -20.14 -1.69
N PHE A 461 -4.81 -21.15 -2.26
CA PHE A 461 -4.52 -21.54 -3.64
C PHE A 461 -4.84 -20.40 -4.61
N VAL A 462 -5.99 -19.75 -4.43
CA VAL A 462 -6.36 -18.65 -5.30
C VAL A 462 -5.41 -17.48 -5.13
N SER A 463 -4.94 -17.24 -3.90
CA SER A 463 -3.96 -16.18 -3.68
C SER A 463 -2.65 -16.48 -4.39
N PHE A 464 -2.20 -17.74 -4.34
CA PHE A 464 -0.98 -18.10 -5.03
C PHE A 464 -1.13 -17.93 -6.54
N LEU A 465 -2.28 -18.35 -7.08
CA LEU A 465 -2.51 -18.17 -8.52
C LEU A 465 -2.54 -16.69 -8.89
N GLY A 466 -3.17 -15.86 -8.05
CA GLY A 466 -3.20 -14.44 -8.35
C GLY A 466 -1.83 -13.80 -8.29
N THR A 467 -1.00 -14.24 -7.34
CA THR A 467 0.36 -13.74 -7.27
C THR A 467 1.15 -14.14 -8.50
N LEU A 468 0.93 -15.35 -9.02
CA LEU A 468 1.58 -15.73 -10.27
C LEU A 468 1.05 -14.90 -11.45
N ALA A 469 -0.26 -14.65 -11.47
CA ALA A 469 -0.86 -13.93 -12.59
C ALA A 469 -0.41 -12.48 -12.63
N VAL A 470 -0.12 -11.88 -11.47
CA VAL A 470 0.34 -10.50 -11.44
C VAL A 470 1.70 -10.35 -12.11
N LEU A 471 2.51 -11.40 -12.09
CA LEU A 471 3.91 -11.26 -12.52
C LEU A 471 4.04 -10.83 -13.98
N PRO A 472 3.35 -11.43 -14.95
CA PRO A 472 3.42 -10.89 -16.31
C PRO A 472 2.99 -9.44 -16.39
N GLY A 473 1.96 -9.06 -15.63
CA GLY A 473 1.54 -7.67 -15.62
C GLY A 473 2.61 -6.75 -15.08
N ASN A 474 3.29 -7.17 -14.01
CA ASN A 474 4.39 -6.37 -13.48
C ASN A 474 5.50 -6.23 -14.50
N ILE A 475 5.84 -7.31 -15.19
CA ILE A 475 6.90 -7.24 -16.20
C ILE A 475 6.53 -6.24 -17.29
N VAL A 476 5.31 -6.36 -17.82
CA VAL A 476 4.88 -5.50 -18.92
C VAL A 476 4.84 -4.04 -18.46
N SER A 477 4.28 -3.79 -17.28
CA SER A 477 4.19 -2.42 -16.79
C SER A 477 5.57 -1.83 -16.56
N ALA A 478 6.48 -2.60 -15.96
CA ALA A 478 7.83 -2.10 -15.74
C ALA A 478 8.51 -1.76 -17.06
N LEU A 479 8.31 -2.60 -18.09
CA LEU A 479 8.92 -2.33 -19.38
C LEU A 479 8.33 -1.09 -20.04
N LEU A 480 7.02 -0.91 -19.97
CA LEU A 480 6.34 0.11 -20.77
C LEU A 480 6.11 1.43 -20.04
N MET A 481 6.33 1.50 -18.72
CA MET A 481 5.97 2.70 -17.98
C MET A 481 6.73 3.92 -18.49
N ASP A 482 8.03 3.78 -18.71
CA ASP A 482 8.85 4.91 -19.13
C ASP A 482 8.82 5.14 -20.63
N LYS A 483 8.23 4.23 -21.40
CA LYS A 483 8.15 4.36 -22.85
C LYS A 483 6.82 4.96 -23.29
N ILE A 484 5.68 4.36 -22.89
CA ILE A 484 4.38 4.84 -23.35
C ILE A 484 3.78 5.89 -22.42
N GLY A 485 4.35 6.09 -21.23
CA GLY A 485 3.84 7.07 -20.30
C GLY A 485 2.87 6.46 -19.30
N ARG A 486 2.70 7.17 -18.18
CA ARG A 486 1.85 6.68 -17.11
C ARG A 486 0.37 6.77 -17.48
N LEU A 487 -0.03 7.83 -18.19
CA LEU A 487 -1.44 8.00 -18.51
C LEU A 487 -1.95 6.88 -19.39
N ARG A 488 -1.19 6.50 -20.42
CA ARG A 488 -1.65 5.45 -21.30
C ARG A 488 -1.69 4.11 -20.58
N MET A 489 -0.69 3.81 -19.75
CA MET A 489 -0.76 2.62 -18.92
C MET A 489 -2.03 2.60 -18.10
N LEU A 490 -2.30 3.68 -17.37
CA LEU A 490 -3.46 3.72 -16.48
C LEU A 490 -4.75 3.52 -17.28
N ALA A 491 -4.92 4.27 -18.36
CA ALA A 491 -6.17 4.24 -19.11
C ALA A 491 -6.39 2.88 -19.78
N GLY A 492 -5.36 2.38 -20.48
CA GLY A 492 -5.51 1.10 -21.14
C GLY A 492 -5.74 -0.04 -20.17
N SER A 493 -4.99 -0.05 -19.06
CA SER A 493 -5.19 -1.10 -18.07
C SER A 493 -6.56 -1.01 -17.42
N SER A 494 -7.07 0.20 -17.21
CA SER A 494 -8.41 0.34 -16.63
C SER A 494 -9.47 -0.16 -17.60
N VAL A 495 -9.31 0.13 -18.89
CA VAL A 495 -10.28 -0.37 -19.88
C VAL A 495 -10.23 -1.90 -19.92
N MET A 496 -9.02 -2.47 -19.93
CA MET A 496 -8.90 -3.92 -19.94
C MET A 496 -9.51 -4.53 -18.68
N SER A 497 -9.30 -3.90 -17.53
CA SER A 497 -9.89 -4.39 -16.30
C SER A 497 -11.41 -4.32 -16.34
N CYS A 498 -11.95 -3.24 -16.89
CA CYS A 498 -13.41 -3.12 -17.01
C CYS A 498 -13.96 -4.24 -17.87
N VAL A 499 -13.31 -4.52 -19.00
CA VAL A 499 -13.79 -5.57 -19.89
C VAL A 499 -13.66 -6.94 -19.23
N SER A 500 -12.51 -7.21 -18.61
CA SER A 500 -12.26 -8.53 -18.03
C SER A 500 -13.17 -8.80 -16.84
N CYS A 501 -13.43 -7.78 -16.02
CA CYS A 501 -14.33 -7.95 -14.89
C CYS A 501 -15.73 -8.31 -15.36
N PHE A 502 -16.20 -7.67 -16.43
CA PHE A 502 -17.50 -8.03 -16.99
C PHE A 502 -17.53 -9.47 -17.46
N PHE A 503 -16.40 -10.00 -17.94
CA PHE A 503 -16.36 -11.39 -18.38
C PHE A 503 -16.61 -12.36 -17.23
N LEU A 504 -16.46 -11.93 -15.98
CA LEU A 504 -16.74 -12.81 -14.85
C LEU A 504 -18.19 -13.28 -14.87
N SER A 505 -19.10 -12.49 -15.44
CA SER A 505 -20.50 -12.86 -15.50
C SER A 505 -20.74 -14.07 -16.39
N PHE A 506 -19.81 -14.39 -17.28
CA PHE A 506 -19.97 -15.53 -18.18
C PHE A 506 -19.45 -16.84 -17.60
N GLY A 507 -18.64 -16.78 -16.53
CA GLY A 507 -18.14 -17.99 -15.93
C GLY A 507 -19.22 -18.71 -15.15
N ASN A 508 -19.20 -20.04 -15.21
CA ASN A 508 -20.17 -20.87 -14.52
C ASN A 508 -19.55 -21.91 -13.60
N SER A 509 -18.43 -22.51 -14.00
CA SER A 509 -17.75 -23.50 -13.18
C SER A 509 -16.67 -22.84 -12.33
N GLU A 510 -16.21 -23.58 -11.32
CA GLU A 510 -15.17 -23.07 -10.43
C GLU A 510 -13.91 -22.72 -11.20
N SER A 511 -13.47 -23.63 -12.09
CA SER A 511 -12.25 -23.40 -12.84
C SER A 511 -12.38 -22.18 -13.74
N ALA A 512 -13.53 -22.02 -14.39
CA ALA A 512 -13.72 -20.86 -15.27
C ALA A 512 -13.67 -19.57 -14.48
N MET A 513 -14.30 -19.54 -13.30
CA MET A 513 -14.27 -18.35 -12.47
C MET A 513 -12.84 -18.03 -12.04
N ILE A 514 -12.08 -19.05 -11.63
CA ILE A 514 -10.71 -18.82 -11.20
C ILE A 514 -9.86 -18.28 -12.35
N ALA A 515 -10.02 -18.84 -13.55
CA ALA A 515 -9.25 -18.36 -14.69
C ALA A 515 -9.61 -16.92 -15.03
N LEU A 516 -10.91 -16.59 -15.00
CA LEU A 516 -11.32 -15.23 -15.31
C LEU A 516 -10.80 -14.24 -14.27
N LEU A 517 -10.76 -14.65 -13.00
CA LEU A 517 -10.18 -13.78 -11.98
C LEU A 517 -8.68 -13.60 -12.18
N CYS A 518 -7.98 -14.66 -12.59
CA CYS A 518 -6.56 -14.51 -12.91
C CYS A 518 -6.35 -13.50 -14.03
N LEU A 519 -7.19 -13.58 -15.06
CA LEU A 519 -7.11 -12.60 -16.14
C LEU A 519 -7.36 -11.19 -15.61
N PHE A 520 -8.38 -11.03 -14.78
CA PHE A 520 -8.70 -9.71 -14.24
C PHE A 520 -7.52 -9.16 -13.45
N GLY A 521 -6.90 -9.98 -12.60
CA GLY A 521 -5.79 -9.51 -11.79
C GLY A 521 -4.57 -9.17 -12.63
N GLY A 522 -4.29 -9.99 -13.64
CA GLY A 522 -3.14 -9.73 -14.48
C GLY A 522 -3.28 -8.46 -15.29
N VAL A 523 -4.49 -8.17 -15.75
CA VAL A 523 -4.70 -6.94 -16.51
C VAL A 523 -4.88 -5.74 -15.59
N SER A 524 -5.26 -5.96 -14.33
CA SER A 524 -5.53 -4.84 -13.44
C SER A 524 -4.29 -4.37 -12.68
N ILE A 525 -3.35 -5.26 -12.38
CA ILE A 525 -2.21 -4.84 -11.55
C ILE A 525 -1.45 -3.70 -12.22
N ALA A 526 -1.43 -3.66 -13.56
CA ALA A 526 -0.71 -2.61 -14.26
C ALA A 526 -1.27 -1.23 -13.95
N SER A 527 -2.59 -1.11 -13.90
CA SER A 527 -3.21 0.17 -13.58
C SER A 527 -2.80 0.64 -12.18
N TRP A 528 -2.66 -0.29 -11.24
CA TRP A 528 -2.24 0.09 -9.90
C TRP A 528 -0.82 0.63 -9.89
N ASN A 529 0.08 0.01 -10.65
CA ASN A 529 1.45 0.54 -10.74
C ASN A 529 1.45 1.93 -11.36
N ALA A 530 0.68 2.13 -12.43
CA ALA A 530 0.62 3.44 -13.04
C ALA A 530 0.06 4.47 -12.08
N LEU A 531 -0.97 4.10 -11.32
CA LEU A 531 -1.57 5.01 -10.36
C LEU A 531 -0.59 5.37 -9.25
N ASP A 532 0.17 4.38 -8.75
CA ASP A 532 1.17 4.66 -7.73
C ASP A 532 2.23 5.63 -8.25
N VAL A 533 2.70 5.39 -9.48
CA VAL A 533 3.73 6.27 -10.04
C VAL A 533 3.19 7.68 -10.21
N LEU A 534 1.95 7.80 -10.71
CA LEU A 534 1.34 9.12 -10.87
C LEU A 534 1.18 9.83 -9.53
N THR A 535 0.72 9.11 -8.51
CA THR A 535 0.55 9.72 -7.20
C THR A 535 1.89 10.18 -6.65
N VAL A 536 2.96 9.43 -6.89
CA VAL A 536 4.28 9.84 -6.47
C VAL A 536 4.70 11.12 -7.20
N GLU A 537 4.51 11.15 -8.52
CA GLU A 537 5.06 12.20 -9.35
C GLU A 537 4.16 13.42 -9.51
N LEU A 538 2.87 13.31 -9.16
CA LEU A 538 1.95 14.42 -9.38
C LEU A 538 1.99 15.46 -8.26
N TYR A 539 2.62 15.15 -7.12
CA TYR A 539 2.60 16.06 -5.98
C TYR A 539 4.02 16.44 -5.58
N PRO A 540 4.21 17.62 -4.98
CA PRO A 540 5.55 18.06 -4.63
C PRO A 540 6.13 17.25 -3.47
N SER A 541 7.46 17.31 -3.36
CA SER A 541 8.16 16.52 -2.36
C SER A 541 7.85 16.95 -0.93
N ASP A 542 7.41 18.19 -0.74
CA ASP A 542 7.04 18.66 0.60
C ASP A 542 5.60 18.34 0.97
N LYS A 543 4.82 17.78 0.03
CA LYS A 543 3.45 17.38 0.30
C LYS A 543 3.13 16.00 -0.27
N ARG A 544 4.15 15.25 -0.73
CA ARG A 544 3.89 13.99 -1.40
C ARG A 544 3.22 12.99 -0.46
N THR A 545 3.79 12.79 0.73
CA THR A 545 3.23 11.80 1.65
C THR A 545 1.86 12.22 2.14
N THR A 546 1.60 13.51 2.31
CA THR A 546 0.27 13.94 2.74
C THR A 546 -0.79 13.56 1.71
N ALA A 547 -0.54 13.90 0.44
CA ALA A 547 -1.50 13.57 -0.60
C ALA A 547 -1.65 12.06 -0.76
N PHE A 548 -0.53 11.33 -0.71
CA PHE A 548 -0.61 9.88 -0.86
C PHE A 548 -1.38 9.27 0.31
N GLY A 549 -1.16 9.76 1.52
CA GLY A 549 -1.91 9.27 2.66
C GLY A 549 -3.40 9.55 2.56
N PHE A 550 -3.75 10.77 2.13
CA PHE A 550 -5.17 11.10 1.95
C PHE A 550 -5.81 10.17 0.92
N LEU A 551 -5.13 9.96 -0.22
CA LEU A 551 -5.70 9.11 -1.25
C LEU A 551 -5.77 7.65 -0.81
N ASN A 552 -4.79 7.20 -0.02
CA ASN A 552 -4.84 5.83 0.48
C ASN A 552 -5.91 5.65 1.53
N ALA A 553 -6.17 6.67 2.35
CA ALA A 553 -7.30 6.63 3.28
C ALA A 553 -8.61 6.56 2.51
N LEU A 554 -8.73 7.33 1.43
CA LEU A 554 -9.91 7.23 0.58
C LEU A 554 -10.02 5.82 -0.01
N CYS A 555 -8.89 5.22 -0.37
CA CYS A 555 -8.90 3.85 -0.89
C CYS A 555 -9.40 2.87 0.16
N LYS A 556 -8.98 3.03 1.40
CA LYS A 556 -9.45 2.14 2.46
C LYS A 556 -10.95 2.32 2.71
N LEU A 557 -11.44 3.56 2.66
CA LEU A 557 -12.87 3.78 2.79
C LEU A 557 -13.64 3.12 1.65
N ALA A 558 -13.11 3.24 0.43
CA ALA A 558 -13.74 2.59 -0.72
C ALA A 558 -13.73 1.07 -0.55
N ALA A 559 -12.65 0.54 0.02
CA ALA A 559 -12.60 -0.90 0.28
C ALA A 559 -13.68 -1.31 1.28
N VAL A 560 -13.85 -0.51 2.35
CA VAL A 560 -14.92 -0.79 3.30
C VAL A 560 -16.26 -0.86 2.58
N LEU A 561 -16.55 0.18 1.79
CA LEU A 561 -17.85 0.24 1.12
C LEU A 561 -18.04 -0.92 0.16
N GLY A 562 -17.00 -1.25 -0.63
CA GLY A 562 -17.12 -2.32 -1.60
C GLY A 562 -17.29 -3.68 -0.94
N ILE A 563 -16.50 -3.95 0.09
CA ILE A 563 -16.63 -5.23 0.80
C ILE A 563 -18.00 -5.35 1.45
N SER A 564 -18.51 -4.24 1.99
CA SER A 564 -19.83 -4.27 2.61
C SER A 564 -20.93 -4.52 1.59
N ILE A 565 -20.85 -3.87 0.41
CA ILE A 565 -21.93 -3.94 -0.55
C ILE A 565 -21.90 -5.27 -1.30
N PHE A 566 -20.73 -5.64 -1.84
CA PHE A 566 -20.66 -6.81 -2.72
C PHE A 566 -21.01 -8.09 -1.96
N THR A 567 -20.51 -8.24 -0.73
CA THR A 567 -20.69 -9.50 -0.04
C THR A 567 -22.16 -9.79 0.26
N SER A 568 -22.99 -8.75 0.34
CA SER A 568 -24.40 -8.96 0.63
C SER A 568 -25.15 -9.64 -0.51
N PHE A 569 -24.60 -9.62 -1.73
CA PHE A 569 -25.24 -10.22 -2.88
C PHE A 569 -24.86 -11.68 -3.11
N VAL A 570 -23.99 -12.25 -2.28
CA VAL A 570 -23.48 -13.59 -2.55
C VAL A 570 -24.62 -14.58 -2.68
N GLY A 571 -25.54 -14.58 -1.71
CA GLY A 571 -26.65 -15.52 -1.73
C GLY A 571 -27.83 -15.10 -2.58
N ILE A 572 -27.78 -13.93 -3.20
CA ILE A 572 -28.91 -13.39 -3.94
C ILE A 572 -28.67 -13.53 -5.44
N THR A 573 -27.62 -12.89 -5.95
CA THR A 573 -27.38 -12.87 -7.39
C THR A 573 -25.89 -12.73 -7.66
N LYS A 574 -25.46 -13.27 -8.80
CA LYS A 574 -24.08 -13.14 -9.23
C LYS A 574 -23.85 -11.89 -10.08
N ALA A 575 -24.90 -11.39 -10.73
CA ALA A 575 -24.73 -10.33 -11.72
C ALA A 575 -24.44 -8.98 -11.07
N ALA A 576 -25.13 -8.66 -9.97
CA ALA A 576 -25.07 -7.30 -9.45
C ALA A 576 -23.66 -6.89 -9.02
N PRO A 577 -22.91 -7.67 -8.25
CA PRO A 577 -21.54 -7.23 -7.91
C PRO A 577 -20.67 -7.02 -9.14
N ILE A 578 -20.77 -7.93 -10.11
CA ILE A 578 -19.93 -7.81 -11.31
C ILE A 578 -20.28 -6.55 -12.08
N LEU A 579 -21.57 -6.26 -12.23
CA LEU A 579 -21.98 -5.06 -12.95
C LEU A 579 -21.58 -3.80 -12.20
N PHE A 580 -21.71 -3.79 -10.87
CA PHE A 580 -21.28 -2.64 -10.09
C PHE A 580 -19.78 -2.40 -10.27
N ALA A 581 -18.98 -3.47 -10.19
CA ALA A 581 -17.55 -3.33 -10.37
C ALA A 581 -17.21 -2.83 -11.76
N SER A 582 -17.89 -3.35 -12.78
CA SER A 582 -17.63 -2.92 -14.15
C SER A 582 -17.97 -1.45 -14.33
N ALA A 583 -19.11 -1.01 -13.79
CA ALA A 583 -19.48 0.40 -13.92
C ALA A 583 -18.49 1.30 -13.18
N ALA A 584 -18.06 0.88 -11.99
CA ALA A 584 -17.10 1.69 -11.24
C ALA A 584 -15.78 1.80 -12.01
N LEU A 585 -15.31 0.70 -12.59
CA LEU A 585 -14.07 0.74 -13.35
C LEU A 585 -14.21 1.57 -14.61
N ALA A 586 -15.38 1.52 -15.27
CA ALA A 586 -15.62 2.37 -16.43
C ALA A 586 -15.56 3.84 -16.04
N LEU A 587 -16.20 4.21 -14.94
CA LEU A 587 -16.15 5.59 -14.47
C LEU A 587 -14.72 6.00 -14.13
N GLY A 588 -13.97 5.11 -13.48
CA GLY A 588 -12.59 5.42 -13.15
C GLY A 588 -11.74 5.63 -14.39
N SER A 589 -11.92 4.78 -15.40
CA SER A 589 -11.18 4.93 -16.65
C SER A 589 -11.60 6.18 -17.41
N SER A 590 -12.81 6.68 -17.19
CA SER A 590 -13.21 7.93 -17.83
C SER A 590 -12.49 9.12 -17.20
N LEU A 591 -12.08 9.00 -15.94
CA LEU A 591 -11.35 10.09 -15.27
C LEU A 591 -9.85 10.03 -15.55
N ALA A 592 -9.30 8.82 -15.71
CA ALA A 592 -7.85 8.69 -15.87
C ALA A 592 -7.33 9.46 -17.09
N LEU A 593 -8.18 9.61 -18.12
CA LEU A 593 -7.73 10.28 -19.34
C LEU A 593 -7.47 11.77 -19.13
N LYS A 594 -8.03 12.36 -18.07
CA LYS A 594 -7.95 13.80 -17.86
C LYS A 594 -6.76 14.22 -16.99
N LEU A 595 -6.04 13.28 -16.38
CA LEU A 595 -4.90 13.64 -15.58
C LEU A 595 -3.72 14.08 -16.46
N PRO A 596 -2.83 14.92 -15.95
CA PRO A 596 -1.63 15.27 -16.70
C PRO A 596 -0.61 14.14 -16.70
N GLU A 597 0.33 14.23 -17.63
CA GLU A 597 1.37 13.22 -17.79
C GLU A 597 2.66 13.70 -17.15
N THR A 598 3.26 12.85 -16.32
CA THR A 598 4.46 13.18 -15.58
C THR A 598 5.73 12.58 -16.18
N ARG A 599 5.63 11.92 -17.33
CA ARG A 599 6.79 11.30 -17.93
C ARG A 599 7.85 12.33 -18.32
N GLY A 600 9.11 11.99 -18.08
CA GLY A 600 10.22 12.83 -18.50
C GLY A 600 10.37 14.12 -17.73
N GLN A 601 9.91 14.17 -16.49
CA GLN A 601 10.00 15.36 -15.66
C GLN A 601 10.73 15.04 -14.36
N VAL A 602 11.46 16.04 -13.86
CA VAL A 602 12.18 15.89 -12.60
C VAL A 602 11.17 15.70 -11.47
N LEU A 603 11.57 14.94 -10.46
CA LEU A 603 10.72 14.72 -9.29
C LEU A 603 10.40 16.05 -8.62
N GLN A 604 9.13 16.43 -8.60
CA GLN A 604 8.71 17.72 -8.05
C GLN A 604 9.27 17.91 -6.64
#